data_5YNY
#
_entry.id   5YNY
#
_cell.length_a   63.237
_cell.length_b   50.934
_cell.length_c   69.642
_cell.angle_alpha   90.000
_cell.angle_beta   97.330
_cell.angle_gamma   90.000
#
_symmetry.space_group_name_H-M   'P 1 21 1'
#
loop_
_entity.id
_entity.type
_entity.pdbx_description
1 polymer 'Allergen Der f 21'
2 water water
#
_entity_poly.entity_id   1
_entity_poly.type   'polypeptide(L)'
_entity_poly.pdbx_seq_one_letter_code
;MHHHHHHSSGLVPRGSEDKWRNAFDHMLMEEFEEKMDQIEHGLLMLSEQYKELEKTKSKELKEQILRELTIAENYLRGAL
KFMQQEAKRTDLNMFERYNFETAVSTIEILVKDLAELAKKVKAVKSDD
;
_entity_poly.pdbx_strand_id   A,B,C,D
#
# COMPACT_ATOMS: atom_id res chain seq x y z
N VAL A 12 24.94 -11.58 18.56
CA VAL A 12 25.91 -11.50 17.43
C VAL A 12 27.29 -11.02 17.91
N PRO A 13 28.36 -11.83 17.65
CA PRO A 13 29.66 -11.32 18.11
C PRO A 13 30.06 -9.99 17.48
N ARG A 14 30.73 -9.17 18.29
CA ARG A 14 31.17 -7.88 17.89
C ARG A 14 32.13 -8.04 16.75
N GLY A 15 32.68 -9.24 16.59
CA GLY A 15 33.70 -9.49 15.58
C GLY A 15 33.27 -9.89 14.19
N SER A 16 32.00 -10.18 14.01
CA SER A 16 31.50 -10.47 12.68
C SER A 16 31.53 -9.19 11.79
N GLU A 17 31.89 -9.39 10.52
CA GLU A 17 31.99 -8.31 9.54
C GLU A 17 30.95 -8.43 8.44
N ASP A 18 30.17 -9.51 8.48
CA ASP A 18 29.32 -9.90 7.35
C ASP A 18 27.84 -9.90 7.66
N LYS A 19 27.45 -9.25 8.76
CA LYS A 19 26.05 -9.27 9.21
C LYS A 19 25.70 -8.02 10.04
N TRP A 20 24.40 -7.75 10.22
CA TRP A 20 23.92 -6.78 11.24
C TRP A 20 24.25 -7.32 12.63
N ARG A 21 25.03 -6.58 13.38
CA ARG A 21 25.33 -6.95 14.76
C ARG A 21 24.26 -6.43 15.74
N ASN A 22 23.47 -5.44 15.32
CA ASN A 22 22.42 -4.89 16.22
C ASN A 22 21.04 -5.15 15.65
N ALA A 23 20.18 -5.67 16.49
CA ALA A 23 18.78 -5.90 16.14
C ALA A 23 17.99 -4.67 15.66
N PHE A 24 18.16 -3.49 16.28
CA PHE A 24 17.46 -2.27 15.79
C PHE A 24 17.96 -1.81 14.41
N ASP A 25 19.25 -2.02 14.12
CA ASP A 25 19.85 -1.68 12.85
C ASP A 25 19.22 -2.51 11.75
N HIS A 26 19.12 -3.81 11.98
CA HIS A 26 18.49 -4.72 11.03
C HIS A 26 17.01 -4.35 10.82
N MET A 27 16.27 -4.21 11.92
CA MET A 27 14.83 -3.85 11.88
CA MET A 27 14.83 -3.83 11.88
C MET A 27 14.59 -2.53 11.15
N LEU A 28 15.42 -1.54 11.43
CA LEU A 28 15.38 -0.30 10.69
C LEU A 28 15.77 -0.24 9.25
N MET A 29 16.73 -0.99 8.81
CA MET A 29 16.93 -1.20 7.42
CA MET A 29 16.94 -1.16 7.41
C MET A 29 15.85 -1.81 6.52
N GLU A 30 15.33 -2.77 7.16
CA GLU A 30 14.14 -3.40 6.75
C GLU A 30 12.91 -2.51 6.68
N GLU A 31 12.67 -1.64 7.66
CA GLU A 31 11.67 -0.58 7.56
C GLU A 31 11.97 0.47 6.47
N PHE A 32 13.22 0.84 6.33
CA PHE A 32 13.66 1.73 5.30
C PHE A 32 13.45 1.17 3.92
N GLU A 33 13.77 -0.10 3.69
CA GLU A 33 13.67 -0.63 2.35
C GLU A 33 12.24 -0.72 1.87
N GLU A 34 11.35 -1.13 2.76
CA GLU A 34 9.98 -1.20 2.40
C GLU A 34 9.53 0.21 2.12
N LYS A 35 9.92 1.17 2.92
CA LYS A 35 9.46 2.49 2.67
C LYS A 35 9.95 3.00 1.31
N MET A 36 11.14 2.59 0.93
CA MET A 36 11.76 3.00 -0.28
C MET A 36 11.09 2.49 -1.50
N ASP A 37 10.71 1.23 -1.51
CA ASP A 37 10.04 0.69 -2.64
C ASP A 37 8.64 1.32 -2.78
N GLN A 38 7.98 1.63 -1.67
CA GLN A 38 6.66 2.27 -1.69
C GLN A 38 6.74 3.66 -2.27
N ILE A 39 7.79 4.39 -1.90
CA ILE A 39 7.98 5.73 -2.40
C ILE A 39 8.25 5.73 -3.90
N GLU A 40 9.06 4.80 -4.33
CA GLU A 40 9.36 4.63 -5.75
C GLU A 40 8.12 4.37 -6.53
N HIS A 41 7.29 3.48 -6.05
CA HIS A 41 6.08 3.21 -6.67
C HIS A 41 5.18 4.43 -6.68
N GLY A 42 5.08 5.16 -5.57
CA GLY A 42 4.30 6.39 -5.55
C GLY A 42 4.82 7.40 -6.56
N LEU A 43 6.14 7.51 -6.68
CA LEU A 43 6.72 8.40 -7.71
C LEU A 43 6.36 8.00 -9.13
N LEU A 44 6.36 6.70 -9.38
CA LEU A 44 5.97 6.19 -10.69
C LEU A 44 4.51 6.53 -10.91
N MET A 45 3.67 6.40 -9.89
CA MET A 45 2.25 6.77 -10.05
C MET A 45 2.08 8.26 -10.27
N LEU A 46 2.83 9.07 -9.54
CA LEU A 46 2.77 10.51 -9.79
C LEU A 46 3.24 10.88 -11.22
N SER A 47 4.20 10.15 -11.78
CA SER A 47 4.66 10.38 -13.19
C SER A 47 3.56 10.15 -14.17
N GLU A 48 2.82 9.10 -13.92
CA GLU A 48 1.66 8.79 -14.73
C GLU A 48 0.64 9.91 -14.61
N GLN A 49 0.45 10.40 -13.42
CA GLN A 49 -0.52 11.48 -13.22
C GLN A 49 -0.01 12.76 -13.88
N TYR A 50 1.30 12.97 -13.90
CA TYR A 50 1.83 14.13 -14.59
C TYR A 50 1.47 14.05 -16.10
N LYS A 51 1.51 12.85 -16.67
CA LYS A 51 1.11 12.69 -18.09
C LYS A 51 -0.33 13.06 -18.33
N GLU A 52 -1.23 12.68 -17.43
CA GLU A 52 -2.60 13.14 -17.54
C GLU A 52 -2.67 14.66 -17.42
N LEU A 53 -1.94 15.22 -16.46
CA LEU A 53 -1.92 16.68 -16.22
C LEU A 53 -1.49 17.43 -17.49
N GLU A 54 -0.50 16.88 -18.18
CA GLU A 54 0.00 17.43 -19.45
C GLU A 54 -1.17 17.70 -20.40
N LYS A 55 -2.14 16.81 -20.44
CA LYS A 55 -3.26 16.91 -21.37
C LYS A 55 -4.41 17.74 -20.85
N THR A 56 -4.80 17.49 -19.60
CA THR A 56 -5.98 18.11 -19.02
C THR A 56 -5.75 19.53 -18.49
N LYS A 57 -4.55 19.79 -18.01
CA LYS A 57 -4.17 21.05 -17.40
C LYS A 57 -4.95 21.40 -16.15
N SER A 58 -5.49 20.38 -15.52
CA SER A 58 -6.28 20.55 -14.31
C SER A 58 -5.46 21.15 -13.15
N LYS A 59 -5.87 22.33 -12.67
CA LYS A 59 -5.22 23.00 -11.56
C LYS A 59 -5.25 22.13 -10.32
N GLU A 60 -6.33 21.41 -10.10
CA GLU A 60 -6.42 20.54 -8.93
C GLU A 60 -5.44 19.37 -8.96
N LEU A 61 -5.35 18.67 -10.09
CA LEU A 61 -4.38 17.58 -10.23
C LEU A 61 -2.98 18.14 -9.99
N LYS A 62 -2.72 19.27 -10.64
CA LYS A 62 -1.39 19.92 -10.50
C LYS A 62 -1.04 20.17 -9.04
N GLU A 63 -1.98 20.77 -8.35
CA GLU A 63 -1.78 21.10 -6.94
C GLU A 63 -1.63 19.87 -6.11
N GLN A 64 -2.42 18.84 -6.44
CA GLN A 64 -2.37 17.66 -5.63
C GLN A 64 -1.02 16.91 -5.85
N ILE A 65 -0.54 16.92 -7.08
CA ILE A 65 0.77 16.30 -7.33
C ILE A 65 1.89 17.03 -6.58
N LEU A 66 1.84 18.35 -6.63
CA LEU A 66 2.82 19.14 -5.88
C LEU A 66 2.80 18.86 -4.37
N ARG A 67 1.62 18.70 -3.82
CA ARG A 67 1.49 18.41 -2.41
C ARG A 67 2.14 17.07 -2.11
N GLU A 68 1.85 16.06 -2.91
CA GLU A 68 2.38 14.69 -2.64
C GLU A 68 3.91 14.69 -2.81
N LEU A 69 4.39 15.40 -3.80
CA LEU A 69 5.83 15.53 -3.98
C LEU A 69 6.52 16.20 -2.80
N THR A 70 5.89 17.27 -2.28
CA THR A 70 6.41 17.94 -1.08
C THR A 70 6.45 17.04 0.16
N ILE A 71 5.41 16.25 0.36
CA ILE A 71 5.40 15.33 1.50
C ILE A 71 6.44 14.24 1.33
N ALA A 72 6.57 13.70 0.11
CA ALA A 72 7.59 12.67 -0.12
C ALA A 72 8.97 13.28 0.08
N GLU A 73 9.17 14.48 -0.42
CA GLU A 73 10.47 15.15 -0.25
C GLU A 73 10.83 15.33 1.22
N ASN A 74 9.88 15.84 2.00
CA ASN A 74 10.11 16.05 3.45
CA ASN A 74 10.13 16.05 3.42
C ASN A 74 10.50 14.76 4.12
N TYR A 75 9.75 13.71 3.84
CA TYR A 75 10.04 12.42 4.42
C TYR A 75 11.45 11.98 3.98
N LEU A 76 11.76 12.12 2.71
CA LEU A 76 13.06 11.65 2.21
C LEU A 76 14.22 12.46 2.81
N ARG A 77 14.01 13.75 3.03
CA ARG A 77 14.99 14.62 3.70
C ARG A 77 15.21 14.16 5.11
N GLY A 78 14.15 13.76 5.78
CA GLY A 78 14.27 13.16 7.08
C GLY A 78 15.02 11.86 7.09
N ALA A 79 14.72 10.94 6.17
CA ALA A 79 15.43 9.70 6.12
C ALA A 79 16.89 9.93 5.76
N LEU A 80 17.17 10.89 4.90
CA LEU A 80 18.54 11.16 4.46
C LEU A 80 19.40 11.57 5.65
N LYS A 81 18.90 12.52 6.43
CA LYS A 81 19.58 13.01 7.63
C LYS A 81 19.86 11.87 8.59
N PHE A 82 18.84 11.04 8.81
CA PHE A 82 19.01 9.90 9.69
C PHE A 82 20.08 8.96 9.14
N MET A 83 20.00 8.59 7.87
CA MET A 83 20.95 7.60 7.28
C MET A 83 22.39 8.10 7.17
N GLN A 84 22.57 9.37 6.80
CA GLN A 84 23.89 10.02 6.82
C GLN A 84 24.52 9.94 8.19
N GLN A 85 23.75 10.24 9.21
CA GLN A 85 24.26 10.16 10.55
C GLN A 85 24.69 8.73 10.86
N GLU A 86 23.86 7.76 10.51
CA GLU A 86 24.20 6.35 10.83
C GLU A 86 25.47 5.90 10.12
N ALA A 87 25.61 6.31 8.86
CA ALA A 87 26.81 6.05 8.07
C ALA A 87 28.09 6.58 8.75
N LYS A 88 27.97 7.63 9.57
CA LYS A 88 29.11 8.24 10.21
C LYS A 88 29.48 7.50 11.46
N ARG A 89 28.74 6.52 11.87
CA ARG A 89 29.11 5.89 13.09
C ARG A 89 30.53 5.33 13.07
N THR A 90 31.21 5.41 14.21
CA THR A 90 32.60 4.94 14.36
C THR A 90 32.68 3.43 14.54
N ASP A 91 31.63 2.85 15.13
CA ASP A 91 31.51 1.40 15.31
C ASP A 91 30.63 0.68 14.26
N LEU A 92 31.09 0.60 13.02
CA LEU A 92 30.39 -0.15 12.00
C LEU A 92 31.38 -1.12 11.42
N ASN A 93 30.92 -2.32 11.14
CA ASN A 93 31.68 -3.26 10.36
C ASN A 93 31.44 -2.92 8.90
N MET A 94 32.05 -3.66 8.01
CA MET A 94 32.03 -3.29 6.61
C MET A 94 30.64 -3.48 6.03
N PHE A 95 29.99 -4.56 6.40
CA PHE A 95 28.69 -4.86 5.95
C PHE A 95 27.76 -3.69 6.28
N GLU A 96 27.78 -3.25 7.54
CA GLU A 96 26.89 -2.22 8.06
C GLU A 96 27.16 -0.92 7.36
N ARG A 97 28.42 -0.58 7.20
CA ARG A 97 28.72 0.71 6.61
C ARG A 97 28.33 0.75 5.16
N TYR A 98 28.60 -0.34 4.47
CA TYR A 98 28.14 -0.46 3.14
C TYR A 98 26.64 -0.18 3.01
N ASN A 99 25.88 -0.84 3.86
CA ASN A 99 24.41 -0.74 3.81
C ASN A 99 23.90 0.66 4.05
N PHE A 100 24.45 1.34 5.06
CA PHE A 100 24.03 2.70 5.37
C PHE A 100 24.43 3.65 4.23
N GLU A 101 25.64 3.47 3.70
CA GLU A 101 26.10 4.28 2.56
C GLU A 101 25.26 4.08 1.34
N THR A 102 24.92 2.84 1.04
CA THR A 102 24.00 2.58 -0.07
C THR A 102 22.59 3.17 0.15
N ALA A 103 22.08 3.10 1.38
CA ALA A 103 20.77 3.70 1.66
C ALA A 103 20.82 5.18 1.35
N VAL A 104 21.91 5.85 1.76
CA VAL A 104 22.11 7.28 1.48
C VAL A 104 22.03 7.57 -0.01
N SER A 105 22.76 6.79 -0.81
CA SER A 105 22.75 6.98 -2.26
C SER A 105 21.41 6.76 -2.85
N THR A 106 20.75 5.71 -2.39
CA THR A 106 19.40 5.41 -2.83
C THR A 106 18.43 6.57 -2.51
N ILE A 107 18.52 7.13 -1.31
CA ILE A 107 17.67 8.28 -1.00
C ILE A 107 17.96 9.47 -1.92
N GLU A 108 19.25 9.71 -2.17
CA GLU A 108 19.70 10.85 -3.01
C GLU A 108 19.13 10.76 -4.42
N ILE A 109 19.10 9.56 -4.96
CA ILE A 109 18.55 9.36 -6.28
C ILE A 109 17.05 9.64 -6.28
N LEU A 110 16.36 9.11 -5.29
CA LEU A 110 14.92 9.36 -5.16
C LEU A 110 14.60 10.85 -5.03
N VAL A 111 15.37 11.55 -4.21
CA VAL A 111 15.19 12.98 -4.08
C VAL A 111 15.40 13.70 -5.40
N LYS A 112 16.42 13.29 -6.14
CA LYS A 112 16.66 13.87 -7.46
C LYS A 112 15.46 13.63 -8.39
N ASP A 113 14.94 12.41 -8.42
CA ASP A 113 13.84 12.09 -9.26
C ASP A 113 12.60 12.87 -8.91
N LEU A 114 12.34 13.02 -7.62
CA LEU A 114 11.23 13.85 -7.19
C LEU A 114 11.36 15.24 -7.73
N ALA A 115 12.53 15.82 -7.51
CA ALA A 115 12.75 17.23 -7.89
C ALA A 115 12.63 17.40 -9.41
N GLU A 116 13.07 16.43 -10.16
CA GLU A 116 12.88 16.47 -11.61
C GLU A 116 11.40 16.51 -11.94
N LEU A 117 10.66 15.60 -11.34
CA LEU A 117 9.24 15.53 -11.63
C LEU A 117 8.54 16.84 -11.21
N ALA A 118 8.93 17.41 -10.07
CA ALA A 118 8.35 18.68 -9.60
C ALA A 118 8.52 19.81 -10.61
N LYS A 119 9.74 19.98 -11.10
CA LYS A 119 10.01 20.96 -12.16
C LYS A 119 9.04 20.82 -13.31
N LYS A 120 8.86 19.59 -13.80
CA LYS A 120 7.97 19.35 -14.92
C LYS A 120 6.54 19.75 -14.59
N VAL A 121 6.10 19.39 -13.40
CA VAL A 121 4.73 19.66 -12.99
C VAL A 121 4.49 21.16 -12.87
N LYS A 122 5.45 21.86 -12.27
CA LYS A 122 5.29 23.32 -12.05
C LYS A 122 5.21 23.99 -13.40
N ALA A 123 5.91 23.40 -14.37
CA ALA A 123 5.98 23.99 -15.70
C ALA A 123 4.69 23.84 -16.49
N VAL A 124 3.76 23.02 -16.04
CA VAL A 124 2.50 22.89 -16.74
C VAL A 124 1.73 24.13 -16.48
N LYS A 125 1.24 24.67 -17.60
CA LYS A 125 0.54 25.93 -17.60
C LYS A 125 -0.93 25.67 -17.35
N SER A 126 -1.34 25.71 -16.09
CA SER A 126 -2.77 25.62 -15.75
C SER A 126 -3.30 26.97 -15.28
N GLY B 10 -4.85 13.19 -6.86
CA GLY B 10 -5.89 14.22 -7.17
C GLY B 10 -7.31 13.89 -6.76
N LEU B 11 -7.59 12.63 -6.42
CA LEU B 11 -8.95 12.17 -6.17
C LEU B 11 -9.69 12.81 -4.94
N VAL B 12 -9.13 12.74 -3.73
CA VAL B 12 -9.91 13.06 -2.51
C VAL B 12 -10.20 14.57 -2.41
N PRO B 13 -11.47 14.95 -2.20
CA PRO B 13 -11.76 16.37 -2.19
C PRO B 13 -11.07 17.09 -1.03
N ARG B 14 -10.62 18.31 -1.30
CA ARG B 14 -9.93 19.10 -0.35
C ARG B 14 -10.81 19.43 0.85
N GLY B 15 -12.12 19.31 0.70
CA GLY B 15 -13.07 19.54 1.81
C GLY B 15 -13.44 18.36 2.70
N SER B 16 -12.91 17.16 2.44
CA SER B 16 -13.10 16.04 3.38
C SER B 16 -12.42 16.35 4.71
N GLU B 17 -13.06 15.98 5.81
CA GLU B 17 -12.52 16.18 7.16
C GLU B 17 -12.24 14.86 7.87
N ASP B 18 -12.66 13.78 7.27
CA ASP B 18 -12.72 12.47 7.96
C ASP B 18 -11.69 11.47 7.47
N LYS B 19 -10.81 11.88 6.57
CA LYS B 19 -9.93 10.93 5.89
C LYS B 19 -8.61 11.59 5.53
N TRP B 20 -7.62 10.74 5.23
CA TRP B 20 -6.39 11.22 4.60
C TRP B 20 -6.75 11.79 3.24
N ARG B 21 -6.34 13.04 2.98
CA ARG B 21 -6.54 13.64 1.67
C ARG B 21 -5.33 13.41 0.75
N ASN B 22 -4.17 13.09 1.34
CA ASN B 22 -2.97 12.88 0.54
C ASN B 22 -2.55 11.45 0.65
N ALA B 23 -2.27 10.85 -0.52
CA ALA B 23 -1.83 9.46 -0.59
C ALA B 23 -0.55 9.22 0.16
N PHE B 24 0.44 10.12 0.06
CA PHE B 24 1.70 9.86 0.83
C PHE B 24 1.45 9.97 2.32
N ASP B 25 0.55 10.86 2.78
CA ASP B 25 0.27 10.89 4.21
C ASP B 25 -0.23 9.51 4.66
N HIS B 26 -1.24 9.02 3.95
CA HIS B 26 -1.83 7.74 4.31
C HIS B 26 -0.78 6.61 4.37
N MET B 27 -0.03 6.52 3.30
CA MET B 27 0.99 5.53 3.19
C MET B 27 2.05 5.57 4.25
N LEU B 28 2.58 6.74 4.55
CA LEU B 28 3.58 6.84 5.60
C LEU B 28 3.06 6.62 7.01
N MET B 29 1.81 7.03 7.28
CA MET B 29 1.26 6.87 8.64
C MET B 29 0.98 5.41 9.03
N GLU B 30 0.46 4.64 8.09
CA GLU B 30 0.34 3.19 8.33
C GLU B 30 1.71 2.57 8.61
N GLU B 31 2.68 3.00 7.83
CA GLU B 31 4.01 2.52 7.95
C GLU B 31 4.60 2.91 9.33
N PHE B 32 4.28 4.11 9.80
CA PHE B 32 4.66 4.57 11.14
C PHE B 32 4.00 3.77 12.28
N GLU B 33 2.71 3.50 12.18
CA GLU B 33 2.07 2.75 13.28
C GLU B 33 2.73 1.39 13.42
N GLU B 34 3.02 0.75 12.29
CA GLU B 34 3.60 -0.59 12.35
C GLU B 34 4.93 -0.50 13.07
N LYS B 35 5.71 0.49 12.72
CA LYS B 35 7.03 0.65 13.27
C LYS B 35 6.97 0.88 14.77
N MET B 36 5.93 1.55 15.25
CA MET B 36 5.83 1.90 16.66
C MET B 36 5.61 0.66 17.46
N ASP B 37 4.76 -0.21 16.93
CA ASP B 37 4.50 -1.47 17.59
C ASP B 37 5.76 -2.32 17.65
N GLN B 38 6.52 -2.32 16.57
CA GLN B 38 7.76 -3.05 16.53
C GLN B 38 8.72 -2.55 17.58
N ILE B 39 8.83 -1.23 17.71
CA ILE B 39 9.72 -0.61 18.66
C ILE B 39 9.31 -0.94 20.06
N GLU B 40 8.01 -0.90 20.30
CA GLU B 40 7.44 -1.29 21.58
C GLU B 40 7.82 -2.72 21.94
N HIS B 41 7.66 -3.63 20.98
CA HIS B 41 8.05 -5.03 21.22
C HIS B 41 9.56 -5.16 21.50
N GLY B 42 10.38 -4.45 20.74
CA GLY B 42 11.81 -4.44 20.99
C GLY B 42 12.15 -3.93 22.39
N LEU B 43 11.48 -2.86 22.83
CA LEU B 43 11.68 -2.35 24.22
C LEU B 43 11.32 -3.38 25.26
N LEU B 44 10.23 -4.07 25.02
CA LEU B 44 9.83 -5.17 25.86
C LEU B 44 10.91 -6.27 25.92
N MET B 45 11.47 -6.62 24.76
CA MET B 45 12.55 -7.62 24.75
C MET B 45 13.78 -7.11 25.47
N LEU B 46 14.10 -5.83 25.29
CA LEU B 46 15.25 -5.30 25.99
C LEU B 46 15.03 -5.30 27.53
N SER B 47 13.81 -5.10 27.98
CA SER B 47 13.48 -5.11 29.44
C SER B 47 13.73 -6.47 30.02
N GLU B 48 13.34 -7.48 29.27
CA GLU B 48 13.63 -8.85 29.64
C GLU B 48 15.14 -9.05 29.77
N GLN B 49 15.87 -8.53 28.81
CA GLN B 49 17.31 -8.68 28.81
C GLN B 49 17.95 -7.90 29.95
N TYR B 50 17.37 -6.76 30.31
CA TYR B 50 17.84 -6.03 31.46
C TYR B 50 17.73 -6.88 32.74
N LYS B 51 16.66 -7.66 32.84
CA LYS B 51 16.52 -8.54 34.00
C LYS B 51 17.64 -9.60 34.04
N GLU B 52 17.98 -10.19 32.89
CA GLU B 52 19.09 -11.10 32.87
C GLU B 52 20.37 -10.39 33.27
N LEU B 53 20.56 -9.20 32.70
CA LEU B 53 21.76 -8.40 33.02
C LEU B 53 21.90 -8.20 34.52
N GLU B 54 20.78 -7.92 35.18
CA GLU B 54 20.79 -7.70 36.64
C GLU B 54 21.50 -8.85 37.37
N LYS B 55 21.29 -10.07 36.90
CA LYS B 55 21.84 -11.24 37.54
C LYS B 55 23.27 -11.54 37.11
N THR B 56 23.50 -11.50 35.81
CA THR B 56 24.78 -11.93 35.25
C THR B 56 25.88 -10.85 35.29
N LYS B 57 25.47 -9.60 35.18
CA LYS B 57 26.38 -8.45 35.14
CA LYS B 57 26.38 -8.44 35.13
C LYS B 57 27.32 -8.46 33.94
N SER B 58 26.92 -9.16 32.90
CA SER B 58 27.71 -9.27 31.69
C SER B 58 27.88 -7.90 31.03
N LYS B 59 29.11 -7.47 30.92
CA LYS B 59 29.49 -6.23 30.27
C LYS B 59 29.00 -6.19 28.84
N GLU B 60 29.08 -7.31 28.16
CA GLU B 60 28.68 -7.38 26.77
C GLU B 60 27.19 -7.21 26.57
N LEU B 61 26.39 -7.90 27.38
CA LEU B 61 24.95 -7.72 27.35
C LEU B 61 24.62 -6.25 27.64
N LYS B 62 25.26 -5.70 28.66
CA LYS B 62 25.06 -4.29 29.04
C LYS B 62 25.33 -3.34 27.90
N GLU B 63 26.47 -3.53 27.27
CA GLU B 63 26.88 -2.74 26.11
C GLU B 63 25.94 -2.95 24.95
N GLN B 64 25.49 -4.17 24.74
CA GLN B 64 24.62 -4.40 23.60
C GLN B 64 23.24 -3.74 23.82
N ILE B 65 22.73 -3.82 25.02
CA ILE B 65 21.44 -3.19 25.33
C ILE B 65 21.56 -1.68 25.14
N LEU B 66 22.68 -1.11 25.59
CA LEU B 66 22.89 0.33 25.41
C LEU B 66 22.93 0.73 23.98
N ARG B 67 23.55 -0.10 23.17
CA ARG B 67 23.69 0.19 21.77
C ARG B 67 22.34 0.23 21.16
N GLU B 68 21.53 -0.78 21.46
CA GLU B 68 20.22 -0.89 20.79
C GLU B 68 19.31 0.29 21.26
N LEU B 69 19.39 0.63 22.53
CA LEU B 69 18.67 1.76 23.06
C LEU B 69 19.05 3.05 22.36
N THR B 70 20.33 3.26 22.16
CA THR B 70 20.83 4.43 21.47
C THR B 70 20.32 4.51 20.03
N ILE B 71 20.29 3.38 19.32
CA ILE B 71 19.79 3.39 17.93
C ILE B 71 18.31 3.67 17.90
N ALA B 72 17.57 3.04 18.81
CA ALA B 72 16.12 3.29 18.86
C ALA B 72 15.83 4.74 19.25
N GLU B 73 16.61 5.29 20.16
CA GLU B 73 16.43 6.71 20.58
C GLU B 73 16.66 7.67 19.44
N ASN B 74 17.75 7.45 18.70
CA ASN B 74 18.07 8.29 17.54
C ASN B 74 16.95 8.26 16.54
N TYR B 75 16.49 7.08 16.22
CA TYR B 75 15.39 6.95 15.27
C TYR B 75 14.12 7.66 15.82
N LEU B 76 13.78 7.40 17.06
CA LEU B 76 12.59 8.05 17.66
C LEU B 76 12.68 9.60 17.76
N ARG B 77 13.85 10.15 18.07
CA ARG B 77 14.00 11.63 18.04
C ARG B 77 13.83 12.20 16.65
N GLY B 78 14.34 11.49 15.65
CA GLY B 78 14.09 11.87 14.27
C GLY B 78 12.64 11.85 13.91
N ALA B 79 11.98 10.74 14.21
CA ALA B 79 10.55 10.62 13.89
C ALA B 79 9.76 11.72 14.65
N LEU B 80 10.17 12.04 15.87
CA LEU B 80 9.48 13.06 16.69
C LEU B 80 9.54 14.43 16.02
N LYS B 81 10.74 14.84 15.62
CA LYS B 81 10.95 16.07 14.88
C LYS B 81 10.09 16.11 13.64
N PHE B 82 10.12 15.03 12.90
CA PHE B 82 9.34 14.95 11.68
C PHE B 82 7.83 15.12 11.98
N MET B 83 7.30 14.35 12.92
CA MET B 83 5.87 14.38 13.19
C MET B 83 5.39 15.73 13.77
N GLN B 84 6.22 16.37 14.59
CA GLN B 84 5.91 17.69 15.16
C GLN B 84 5.76 18.71 14.07
N GLN B 85 6.65 18.63 13.10
CA GLN B 85 6.59 19.45 11.98
C GLN B 85 5.34 19.25 11.14
N GLU B 86 4.93 18.00 10.93
CA GLU B 86 3.72 17.74 10.18
C GLU B 86 2.45 18.27 10.90
N ALA B 87 2.43 18.08 12.21
CA ALA B 87 1.37 18.59 13.04
C ALA B 87 1.21 20.13 12.91
N LYS B 88 2.27 20.85 12.54
CA LYS B 88 2.22 22.31 12.29
C LYS B 88 1.88 22.71 10.87
N ARG B 89 1.50 21.77 10.04
CA ARG B 89 1.00 22.19 8.73
C ARG B 89 -0.21 23.11 8.83
N THR B 90 -0.24 24.09 7.93
CA THR B 90 -1.35 25.06 7.87
C THR B 90 -2.59 24.46 7.24
N ASP B 91 -2.41 23.53 6.31
CA ASP B 91 -3.54 22.81 5.69
C ASP B 91 -3.71 21.39 6.22
N LEU B 92 -4.33 21.25 7.37
CA LEU B 92 -4.73 19.93 7.88
C LEU B 92 -6.19 19.97 8.15
N ASN B 93 -6.88 18.89 7.85
CA ASN B 93 -8.21 18.68 8.35
C ASN B 93 -8.16 18.04 9.74
N MET B 94 -9.31 17.74 10.31
CA MET B 94 -9.37 17.29 11.70
C MET B 94 -8.77 15.89 11.84
N PHE B 95 -9.07 15.04 10.90
CA PHE B 95 -8.62 13.66 10.94
C PHE B 95 -7.09 13.60 10.85
N GLU B 96 -6.53 14.39 9.95
CA GLU B 96 -5.09 14.45 9.77
C GLU B 96 -4.39 15.00 11.01
N ARG B 97 -4.90 16.08 11.55
CA ARG B 97 -4.27 16.70 12.71
C ARG B 97 -4.35 15.75 13.89
N TYR B 98 -5.49 15.12 14.08
CA TYR B 98 -5.64 14.14 15.14
C TYR B 98 -4.53 13.08 15.02
N ASN B 99 -4.36 12.55 13.80
CA ASN B 99 -3.40 11.50 13.60
C ASN B 99 -1.97 11.90 13.85
N PHE B 100 -1.58 13.08 13.36
CA PHE B 100 -0.22 13.57 13.57
C PHE B 100 0.02 13.85 15.07
N GLU B 101 -0.94 14.47 15.71
CA GLU B 101 -0.81 14.82 17.13
C GLU B 101 -0.75 13.60 18.03
N THR B 102 -1.58 12.61 17.78
CA THR B 102 -1.45 11.33 18.45
CA THR B 102 -1.44 11.34 18.47
C THR B 102 -0.10 10.66 18.20
N ALA B 103 0.42 10.74 16.97
CA ALA B 103 1.73 10.11 16.66
C ALA B 103 2.81 10.76 17.50
N VAL B 104 2.77 12.08 17.57
CA VAL B 104 3.67 12.84 18.42
C VAL B 104 3.63 12.37 19.89
N SER B 105 2.45 12.20 20.48
CA SER B 105 2.33 11.71 21.87
C SER B 105 2.83 10.31 22.05
N THR B 106 2.53 9.46 21.08
CA THR B 106 2.98 8.11 21.10
C THR B 106 4.51 8.06 21.09
N ILE B 107 5.14 8.86 20.23
CA ILE B 107 6.58 8.86 20.18
C ILE B 107 7.20 9.32 21.52
N GLU B 108 6.59 10.36 22.09
CA GLU B 108 7.07 10.92 23.39
C GLU B 108 7.07 9.87 24.49
N ILE B 109 6.02 9.05 24.53
CA ILE B 109 5.90 8.03 25.56
C ILE B 109 6.97 6.97 25.39
N LEU B 110 7.18 6.54 24.15
CA LEU B 110 8.25 5.61 23.84
C LEU B 110 9.59 6.12 24.15
N VAL B 111 9.86 7.37 23.85
CA VAL B 111 11.20 7.92 24.17
C VAL B 111 11.43 7.95 25.68
N LYS B 112 10.38 8.32 26.43
CA LYS B 112 10.50 8.34 27.90
C LYS B 112 10.81 6.92 28.41
N ASP B 113 10.07 5.94 27.92
CA ASP B 113 10.28 4.55 28.35
C ASP B 113 11.71 4.08 28.06
N LEU B 114 12.20 4.46 26.90
CA LEU B 114 13.54 4.11 26.50
C LEU B 114 14.52 4.67 27.50
N ALA B 115 14.38 5.95 27.78
CA ALA B 115 15.31 6.63 28.69
C ALA B 115 15.23 6.07 30.10
N GLU B 116 14.05 5.71 30.55
CA GLU B 116 13.93 5.06 31.86
C GLU B 116 14.75 3.74 31.83
N LEU B 117 14.60 2.95 30.77
CA LEU B 117 15.28 1.65 30.70
C LEU B 117 16.78 1.86 30.67
N ALA B 118 17.22 2.88 29.95
CA ALA B 118 18.64 3.20 29.88
C ALA B 118 19.26 3.50 31.23
N LYS B 119 18.60 4.37 32.00
CA LYS B 119 19.02 4.64 33.39
C LYS B 119 19.24 3.38 34.19
N LYS B 120 18.27 2.49 34.16
CA LYS B 120 18.39 1.22 34.88
C LYS B 120 19.56 0.38 34.40
N VAL B 121 19.77 0.34 33.08
CA VAL B 121 20.84 -0.48 32.52
C VAL B 121 22.19 0.08 32.95
N LYS B 122 22.32 1.39 32.85
CA LYS B 122 23.61 2.03 33.16
C LYS B 122 23.95 1.79 34.63
N ALA B 123 22.92 1.70 35.43
CA ALA B 123 23.09 1.47 36.86
C ALA B 123 23.52 0.05 37.23
N VAL B 124 23.47 -0.89 36.29
CA VAL B 124 23.93 -2.23 36.58
C VAL B 124 25.44 -2.15 36.64
N LYS B 125 25.92 -2.56 37.80
CA LYS B 125 27.34 -2.58 38.09
C LYS B 125 27.94 -3.89 37.67
N ARG C 14 6.71 -24.60 0.20
CA ARG C 14 7.28 -23.46 -0.54
C ARG C 14 8.04 -23.93 -1.78
N GLY C 15 8.44 -25.20 -1.79
CA GLY C 15 9.22 -25.76 -2.89
C GLY C 15 8.46 -26.34 -4.07
N SER C 16 7.13 -26.31 -4.02
CA SER C 16 6.29 -26.70 -5.17
C SER C 16 6.33 -25.69 -6.32
N GLU C 17 6.52 -26.20 -7.53
CA GLU C 17 6.64 -25.36 -8.71
C GLU C 17 5.42 -25.52 -9.61
N ASP C 18 4.54 -26.46 -9.28
CA ASP C 18 3.48 -26.90 -10.18
C ASP C 18 2.07 -26.53 -9.70
N LYS C 19 1.97 -25.72 -8.65
CA LYS C 19 0.68 -25.42 -8.04
C LYS C 19 0.65 -24.03 -7.36
N TRP C 20 -0.55 -23.50 -7.09
CA TRP C 20 -0.73 -22.29 -6.27
C TRP C 20 -0.25 -22.64 -4.86
N ARG C 21 0.73 -21.89 -4.39
CA ARG C 21 1.17 -22.06 -3.01
C ARG C 21 0.33 -21.25 -2.05
N ASN C 22 -0.32 -20.20 -2.51
CA ASN C 22 -1.11 -19.32 -1.62
C ASN C 22 -2.58 -19.46 -1.95
N ALA C 23 -3.37 -19.73 -0.92
CA ALA C 23 -4.80 -19.92 -1.05
C ALA C 23 -5.49 -18.68 -1.64
N PHE C 24 -5.10 -17.48 -1.23
CA PHE C 24 -5.72 -16.28 -1.80
C PHE C 24 -5.39 -16.07 -3.26
N ASP C 25 -4.20 -16.47 -3.69
CA ASP C 25 -3.85 -16.39 -5.09
C ASP C 25 -4.79 -17.25 -5.93
N HIS C 26 -4.97 -18.49 -5.51
CA HIS C 26 -5.78 -19.44 -6.24
C HIS C 26 -7.25 -19.02 -6.30
N MET C 27 -7.82 -18.69 -5.12
CA MET C 27 -9.22 -18.14 -4.94
CA MET C 27 -9.21 -18.10 -4.91
C MET C 27 -9.60 -17.00 -5.84
N LEU C 28 -8.76 -16.04 -5.74
CA LEU C 28 -8.81 -14.87 -6.53
C LEU C 28 -8.60 -15.02 -8.04
N MET C 29 -7.68 -15.88 -8.42
CA MET C 29 -7.44 -16.13 -9.80
C MET C 29 -8.58 -16.87 -10.42
N GLU C 30 -9.17 -17.79 -9.68
CA GLU C 30 -10.37 -18.46 -10.17
C GLU C 30 -11.50 -17.49 -10.32
N GLU C 31 -11.58 -16.56 -9.39
CA GLU C 31 -12.56 -15.54 -9.45
C GLU C 31 -12.38 -14.66 -10.68
N PHE C 32 -11.12 -14.42 -11.00
CA PHE C 32 -10.73 -13.65 -12.18
C PHE C 32 -11.11 -14.39 -13.48
N GLU C 33 -10.91 -15.69 -13.58
CA GLU C 33 -11.30 -16.35 -14.82
C GLU C 33 -12.79 -16.25 -15.02
N GLU C 34 -13.53 -16.36 -13.94
CA GLU C 34 -14.96 -16.25 -14.06
C GLU C 34 -15.35 -14.88 -14.56
N LYS C 35 -14.73 -13.86 -13.99
CA LYS C 35 -14.99 -12.48 -14.37
C LYS C 35 -14.70 -12.19 -15.85
N MET C 36 -13.64 -12.81 -16.35
CA MET C 36 -13.19 -12.60 -17.74
C MET C 36 -14.18 -13.17 -18.71
N ASP C 37 -14.74 -14.33 -18.38
CA ASP C 37 -15.80 -14.97 -19.16
C ASP C 37 -17.06 -14.15 -19.18
N GLN C 38 -17.43 -13.57 -18.03
CA GLN C 38 -18.58 -12.66 -17.98
C GLN C 38 -18.40 -11.43 -18.87
N ILE C 39 -17.20 -10.86 -18.83
CA ILE C 39 -16.91 -9.68 -19.63
C ILE C 39 -16.92 -10.03 -21.12
N GLU C 40 -16.37 -11.18 -21.45
CA GLU C 40 -16.36 -11.67 -22.84
C GLU C 40 -17.76 -11.81 -23.32
N HIS C 41 -18.61 -12.40 -22.51
CA HIS C 41 -19.98 -12.54 -22.88
C HIS C 41 -20.68 -11.20 -23.03
N GLY C 42 -20.45 -10.26 -22.11
CA GLY C 42 -20.98 -8.90 -22.25
C GLY C 42 -20.49 -8.19 -23.52
N LEU C 43 -19.22 -8.38 -23.87
CA LEU C 43 -18.71 -7.90 -25.17
C LEU C 43 -19.39 -8.53 -26.39
N LEU C 44 -19.65 -9.81 -26.34
CA LEU C 44 -20.43 -10.45 -27.39
C LEU C 44 -21.83 -9.86 -27.47
N MET C 45 -22.46 -9.63 -26.33
CA MET C 45 -23.81 -9.02 -26.36
C MET C 45 -23.75 -7.61 -26.91
N LEU C 46 -22.74 -6.86 -26.55
CA LEU C 46 -22.61 -5.52 -27.15
C LEU C 46 -22.35 -5.53 -28.67
N SER C 47 -21.65 -6.54 -29.17
CA SER C 47 -21.45 -6.73 -30.64
C SER C 47 -22.72 -6.95 -31.36
N GLU C 48 -23.57 -7.77 -30.78
CA GLU C 48 -24.91 -7.95 -31.30
C GLU C 48 -25.69 -6.64 -31.34
N GLN C 49 -25.57 -5.87 -30.29
CA GLN C 49 -26.25 -4.58 -30.26
C GLN C 49 -25.64 -3.59 -31.28
N TYR C 50 -24.36 -3.69 -31.52
CA TYR C 50 -23.74 -2.85 -32.51
C TYR C 50 -24.36 -3.14 -33.89
N LYS C 51 -24.64 -4.42 -34.15
CA LYS C 51 -25.22 -4.79 -35.40
C LYS C 51 -26.57 -4.17 -35.56
N GLU C 52 -27.39 -4.14 -34.51
CA GLU C 52 -28.65 -3.40 -34.57
C GLU C 52 -28.40 -1.92 -34.83
N LEU C 53 -27.43 -1.36 -34.11
CA LEU C 53 -27.10 0.06 -34.26
C LEU C 53 -26.76 0.42 -35.71
N GLU C 54 -26.02 -0.46 -36.37
CA GLU C 54 -25.63 -0.29 -37.76
C GLU C 54 -26.85 0.01 -38.62
N LYS C 55 -27.96 -0.66 -38.34
CA LYS C 55 -29.19 -0.47 -39.12
C LYS C 55 -30.05 0.72 -38.66
N THR C 56 -30.29 0.82 -37.36
CA THR C 56 -31.23 1.80 -36.80
C THR C 56 -30.65 3.20 -36.62
N LYS C 57 -29.36 3.26 -36.34
CA LYS C 57 -28.67 4.53 -36.11
C LYS C 57 -29.17 5.29 -34.90
N SER C 58 -29.77 4.57 -33.97
CA SER C 58 -30.29 5.14 -32.75
C SER C 58 -29.18 5.77 -31.89
N LYS C 59 -29.27 7.07 -31.65
CA LYS C 59 -28.29 7.77 -30.81
C LYS C 59 -28.29 7.20 -29.41
N GLU C 60 -29.45 6.80 -28.91
CA GLU C 60 -29.53 6.23 -27.56
C GLU C 60 -28.82 4.89 -27.41
N LEU C 61 -29.06 3.97 -28.34
CA LEU C 61 -28.35 2.70 -28.36
C LEU C 61 -26.86 2.97 -28.43
N LYS C 62 -26.47 3.88 -29.32
CA LYS C 62 -25.07 4.23 -29.49
C LYS C 62 -24.46 4.67 -28.20
N GLU C 63 -25.13 5.62 -27.55
CA GLU C 63 -24.65 6.15 -26.29
C GLU C 63 -24.60 5.09 -25.23
N GLN C 64 -25.63 4.25 -25.19
CA GLN C 64 -25.64 3.26 -24.15
C GLN C 64 -24.50 2.22 -24.33
N ILE C 65 -24.22 1.84 -25.58
CA ILE C 65 -23.13 0.90 -25.84
C ILE C 65 -21.80 1.52 -25.44
N LEU C 66 -21.61 2.79 -25.81
CA LEU C 66 -20.38 3.51 -25.41
C LEU C 66 -20.20 3.58 -23.90
N ARG C 67 -21.30 3.79 -23.17
CA ARG C 67 -21.24 3.87 -21.70
C ARG C 67 -20.80 2.55 -21.14
N GLU C 68 -21.39 1.47 -21.65
CA GLU C 68 -21.03 0.13 -21.15
C GLU C 68 -19.57 -0.16 -21.47
N LEU C 69 -19.16 0.18 -22.67
CA LEU C 69 -17.77 -0.09 -23.08
C LEU C 69 -16.77 0.64 -22.21
N THR C 70 -17.08 1.91 -21.91
CA THR C 70 -16.25 2.70 -21.05
C THR C 70 -16.12 2.09 -19.66
N ILE C 71 -17.22 1.61 -19.11
CA ILE C 71 -17.17 0.99 -17.79
C ILE C 71 -16.33 -0.28 -17.83
N ALA C 72 -16.54 -1.10 -18.86
CA ALA C 72 -15.77 -2.35 -18.95
C ALA C 72 -14.31 -2.03 -19.13
N GLU C 73 -14.02 -1.02 -19.92
CA GLU C 73 -12.62 -0.60 -20.11
C GLU C 73 -11.94 -0.17 -18.80
N ASN C 74 -12.62 0.71 -18.05
CA ASN C 74 -12.10 1.16 -16.75
C ASN C 74 -11.80 0.02 -15.81
N TYR C 75 -12.76 -0.89 -15.69
CA TYR C 75 -12.55 -2.08 -14.89
C TYR C 75 -11.34 -2.90 -15.42
N LEU C 76 -11.30 -3.12 -16.74
CA LEU C 76 -10.21 -3.95 -17.31
C LEU C 76 -8.83 -3.29 -17.13
N ARG C 77 -8.77 -1.97 -17.25
CA ARG C 77 -7.47 -1.29 -17.04
C ARG C 77 -7.02 -1.38 -15.59
N GLY C 78 -7.96 -1.29 -14.66
CA GLY C 78 -7.67 -1.57 -13.26
C GLY C 78 -7.17 -2.99 -13.05
N ALA C 79 -7.88 -3.98 -13.58
CA ALA C 79 -7.43 -5.36 -13.44
C ALA C 79 -6.04 -5.57 -14.08
N LEU C 80 -5.81 -4.93 -15.21
CA LEU C 80 -4.54 -5.06 -15.93
C LEU C 80 -3.37 -4.57 -15.06
N LYS C 81 -3.53 -3.39 -14.49
CA LYS C 81 -2.53 -2.80 -13.61
C LYS C 81 -2.28 -3.70 -12.42
N PHE C 82 -3.34 -4.23 -11.85
CA PHE C 82 -3.22 -5.17 -10.74
C PHE C 82 -2.44 -6.44 -11.16
N MET C 83 -2.82 -7.07 -12.26
CA MET C 83 -2.18 -8.34 -12.69
C MET C 83 -0.71 -8.16 -13.12
N GLN C 84 -0.42 -7.06 -13.79
CA GLN C 84 0.98 -6.71 -14.13
C GLN C 84 1.84 -6.62 -12.87
N GLN C 85 1.31 -5.97 -11.84
CA GLN C 85 2.04 -5.89 -10.58
C GLN C 85 2.29 -7.30 -10.01
N GLU C 86 1.26 -8.15 -10.03
CA GLU C 86 1.41 -9.50 -9.45
C GLU C 86 2.46 -10.33 -10.21
N ALA C 87 2.42 -10.21 -11.53
CA ALA C 87 3.41 -10.86 -12.40
C ALA C 87 4.83 -10.46 -12.04
N LYS C 88 5.01 -9.26 -11.50
CA LYS C 88 6.34 -8.77 -11.15
C LYS C 88 6.78 -9.21 -9.76
N ARG C 89 6.01 -10.06 -9.11
CA ARG C 89 6.41 -10.52 -7.80
C ARG C 89 7.72 -11.27 -7.89
N THR C 90 8.57 -11.07 -6.90
CA THR C 90 9.86 -11.75 -6.84
C THR C 90 9.71 -13.20 -6.35
N ASP C 91 8.73 -13.44 -5.49
CA ASP C 91 8.46 -14.79 -4.97
C ASP C 91 7.31 -15.48 -5.72
N LEU C 92 7.56 -15.87 -6.97
CA LEU C 92 6.61 -16.71 -7.71
C LEU C 92 7.35 -17.95 -8.18
N ASN C 93 6.67 -19.08 -8.14
CA ASN C 93 7.14 -20.27 -8.84
C ASN C 93 6.72 -20.19 -10.31
N MET C 94 7.06 -21.20 -11.09
CA MET C 94 6.85 -21.15 -12.54
C MET C 94 5.37 -21.17 -12.85
N PHE C 95 4.62 -22.01 -12.14
CA PHE C 95 3.18 -22.15 -12.34
C PHE C 95 2.49 -20.81 -12.08
N GLU C 96 2.85 -20.15 -10.99
CA GLU C 96 2.23 -18.89 -10.62
C GLU C 96 2.53 -17.80 -11.62
N ARG C 97 3.80 -17.68 -11.98
CA ARG C 97 4.21 -16.63 -12.91
C ARG C 97 3.53 -16.85 -14.26
N TYR C 98 3.50 -18.08 -14.73
CA TYR C 98 2.80 -18.41 -15.94
C TYR C 98 1.35 -17.88 -15.85
N ASN C 99 0.67 -18.20 -14.76
CA ASN C 99 -0.74 -17.86 -14.61
C ASN C 99 -0.98 -16.35 -14.59
N PHE C 100 -0.15 -15.62 -13.87
CA PHE C 100 -0.29 -14.16 -13.83
C PHE C 100 -0.02 -13.56 -15.21
N GLU C 101 1.02 -14.05 -15.86
CA GLU C 101 1.37 -13.57 -17.20
C GLU C 101 0.28 -13.91 -18.21
N THR C 102 -0.28 -15.10 -18.15
CA THR C 102 -1.46 -15.41 -18.96
C THR C 102 -2.69 -14.54 -18.64
N ALA C 103 -2.91 -14.21 -17.38
CA ALA C 103 -4.02 -13.30 -17.03
C ALA C 103 -3.83 -11.96 -17.70
N VAL C 104 -2.60 -11.46 -17.64
CA VAL C 104 -2.26 -10.19 -18.30
C VAL C 104 -2.62 -10.24 -19.79
N SER C 105 -2.18 -11.29 -20.47
CA SER C 105 -2.45 -11.42 -21.89
C SER C 105 -3.92 -11.50 -22.18
N THR C 106 -4.60 -12.26 -21.36
CA THR C 106 -6.04 -12.39 -21.49
C THR C 106 -6.72 -11.04 -21.34
N ILE C 107 -6.32 -10.26 -20.36
CA ILE C 107 -6.89 -8.90 -20.19
C ILE C 107 -6.62 -8.04 -21.41
N GLU C 108 -5.40 -8.14 -21.93
CA GLU C 108 -4.97 -7.34 -23.10
C GLU C 108 -5.83 -7.63 -24.32
N ILE C 109 -6.13 -8.89 -24.53
CA ILE C 109 -6.94 -9.28 -25.66
C ILE C 109 -8.35 -8.72 -25.49
N LEU C 110 -8.90 -8.83 -24.29
CA LEU C 110 -10.20 -8.27 -24.03
C LEU C 110 -10.24 -6.75 -24.27
N VAL C 111 -9.22 -6.07 -23.79
CA VAL C 111 -9.18 -4.61 -23.95
C VAL C 111 -9.10 -4.27 -25.42
N LYS C 112 -8.34 -5.06 -26.17
CA LYS C 112 -8.23 -4.91 -27.60
C LYS C 112 -9.56 -5.06 -28.28
N ASP C 113 -10.28 -6.14 -27.95
CA ASP C 113 -11.58 -6.37 -28.53
C ASP C 113 -12.55 -5.26 -28.18
N LEU C 114 -12.49 -4.79 -26.95
CA LEU C 114 -13.36 -3.70 -26.53
C LEU C 114 -13.10 -2.49 -27.37
N ALA C 115 -11.82 -2.14 -27.50
CA ALA C 115 -11.46 -0.94 -28.25
C ALA C 115 -11.86 -1.07 -29.72
N GLU C 116 -11.73 -2.27 -30.25
CA GLU C 116 -12.11 -2.53 -31.64
C GLU C 116 -13.59 -2.21 -31.76
N LEU C 117 -14.37 -2.72 -30.81
CA LEU C 117 -15.79 -2.51 -30.89
C LEU C 117 -16.15 -1.05 -30.73
N ALA C 118 -15.49 -0.37 -29.79
CA ALA C 118 -15.73 1.07 -29.58
C ALA C 118 -15.54 1.89 -30.87
N LYS C 119 -14.42 1.66 -31.53
CA LYS C 119 -14.14 2.32 -32.81
C LYS C 119 -15.31 2.17 -33.78
N LYS C 120 -15.77 0.93 -33.97
CA LYS C 120 -16.89 0.67 -34.86
C LYS C 120 -18.16 1.42 -34.44
N VAL C 121 -18.44 1.43 -33.14
CA VAL C 121 -19.63 2.09 -32.62
C VAL C 121 -19.56 3.59 -32.84
N LYS C 122 -18.40 4.18 -32.56
CA LYS C 122 -18.24 5.63 -32.72
C LYS C 122 -18.41 6.07 -34.15
N ALA C 123 -18.00 5.18 -35.05
CA ALA C 123 -18.09 5.44 -36.48
C ALA C 123 -19.51 5.42 -37.03
N VAL C 124 -20.49 4.96 -36.26
CA VAL C 124 -21.88 5.02 -36.71
C VAL C 124 -22.43 6.44 -36.52
N LYS C 125 -23.26 6.94 -37.45
CA LYS C 125 -23.97 8.25 -37.28
C LYS C 125 -25.29 8.12 -36.51
N ARG D 14 -33.03 6.10 -18.71
CA ARG D 14 -31.99 7.01 -18.18
C ARG D 14 -32.50 7.81 -17.02
N GLY D 15 -33.81 7.81 -16.82
CA GLY D 15 -34.45 8.51 -15.72
C GLY D 15 -34.94 7.63 -14.60
N SER D 16 -34.63 6.35 -14.67
CA SER D 16 -34.81 5.44 -13.57
C SER D 16 -33.91 5.85 -12.43
N GLU D 17 -34.41 5.74 -11.21
CA GLU D 17 -33.66 6.20 -10.06
C GLU D 17 -33.46 5.08 -9.08
N ASP D 18 -34.17 3.99 -9.28
CA ASP D 18 -34.20 2.90 -8.33
C ASP D 18 -33.43 1.69 -8.78
N LYS D 19 -32.66 1.78 -9.86
CA LYS D 19 -32.08 0.58 -10.41
C LYS D 19 -30.74 0.92 -11.01
N TRP D 20 -29.92 -0.12 -11.19
CA TRP D 20 -28.72 0.01 -12.05
C TRP D 20 -29.21 0.33 -13.43
N ARG D 21 -28.76 1.46 -13.94
CA ARG D 21 -28.99 1.79 -15.35
C ARG D 21 -28.04 1.08 -16.37
N ASN D 22 -26.83 0.70 -15.96
CA ASN D 22 -25.87 0.13 -16.85
C ASN D 22 -25.62 -1.29 -16.39
N ALA D 23 -25.71 -2.20 -17.35
CA ALA D 23 -25.48 -3.60 -17.11
C ALA D 23 -24.07 -3.88 -16.58
N PHE D 24 -23.02 -3.20 -17.06
CA PHE D 24 -21.69 -3.47 -16.52
C PHE D 24 -21.57 -2.99 -15.07
N ASP D 25 -22.22 -1.86 -14.71
CA ASP D 25 -22.18 -1.40 -13.32
C ASP D 25 -22.75 -2.42 -12.40
N HIS D 26 -23.88 -2.95 -12.79
CA HIS D 26 -24.51 -3.96 -12.03
C HIS D 26 -23.66 -5.25 -11.92
N MET D 27 -23.15 -5.77 -13.03
CA MET D 27 -22.31 -6.97 -13.03
C MET D 27 -21.08 -6.79 -12.16
N LEU D 28 -20.44 -5.66 -12.27
CA LEU D 28 -19.24 -5.40 -11.49
C LEU D 28 -19.51 -5.30 -9.99
N MET D 29 -20.64 -4.70 -9.63
CA MET D 29 -21.01 -4.63 -8.22
C MET D 29 -21.30 -6.01 -7.67
N GLU D 30 -22.00 -6.81 -8.46
CA GLU D 30 -22.30 -8.16 -8.05
C GLU D 30 -20.99 -8.94 -7.88
N GLU D 31 -20.04 -8.74 -8.77
CA GLU D 31 -18.72 -9.40 -8.66
C GLU D 31 -18.05 -8.96 -7.37
N PHE D 32 -18.17 -7.67 -7.08
CA PHE D 32 -17.55 -7.10 -5.88
C PHE D 32 -18.16 -7.66 -4.60
N GLU D 33 -19.49 -7.72 -4.52
CA GLU D 33 -20.13 -8.26 -3.31
C GLU D 33 -19.65 -9.68 -3.12
N GLU D 34 -19.59 -10.42 -4.22
CA GLU D 34 -19.22 -11.81 -4.17
C GLU D 34 -17.81 -11.91 -3.63
N LYS D 35 -16.95 -11.04 -4.13
CA LYS D 35 -15.56 -11.05 -3.73
C LYS D 35 -15.40 -10.73 -2.23
N MET D 36 -16.27 -9.87 -1.70
CA MET D 36 -16.18 -9.48 -0.30
C MET D 36 -16.47 -10.67 0.60
N ASP D 37 -17.49 -11.42 0.23
CA ASP D 37 -17.87 -12.61 0.98
C ASP D 37 -16.75 -13.64 0.95
N GLN D 38 -16.13 -13.81 -0.21
CA GLN D 38 -15.01 -14.73 -0.34
C GLN D 38 -13.87 -14.32 0.56
N ILE D 39 -13.58 -13.03 0.59
CA ILE D 39 -12.48 -12.53 1.40
C ILE D 39 -12.82 -12.75 2.86
N GLU D 40 -14.07 -12.49 3.22
CA GLU D 40 -14.56 -12.68 4.56
C GLU D 40 -14.34 -14.13 4.99
N HIS D 41 -14.71 -15.07 4.12
CA HIS D 41 -14.51 -16.47 4.41
C HIS D 41 -13.03 -16.80 4.56
N GLY D 42 -12.21 -16.30 3.65
CA GLY D 42 -10.78 -16.52 3.75
C GLY D 42 -10.26 -16.00 5.07
N LEU D 43 -10.72 -14.84 5.48
CA LEU D 43 -10.31 -14.25 6.73
C LEU D 43 -10.62 -15.11 7.91
N LEU D 44 -11.80 -15.72 7.88
CA LEU D 44 -12.18 -16.67 8.90
C LEU D 44 -11.16 -17.78 8.92
N MET D 45 -10.79 -18.24 7.73
CA MET D 45 -9.81 -19.32 7.63
C MET D 45 -8.44 -18.88 8.17
N LEU D 46 -8.04 -17.66 7.89
CA LEU D 46 -6.79 -17.15 8.45
C LEU D 46 -6.87 -17.03 9.94
N SER D 47 -7.95 -16.40 10.38
CA SER D 47 -8.05 -15.90 11.73
C SER D 47 -7.92 -17.15 12.56
N GLU D 48 -8.45 -18.26 12.07
CA GLU D 48 -8.27 -19.50 12.73
C GLU D 48 -6.79 -19.74 12.77
N GLN D 49 -6.13 -19.57 11.62
CA GLN D 49 -4.75 -20.00 11.44
C GLN D 49 -3.87 -19.24 12.38
N TYR D 50 -4.23 -17.99 12.62
CA TYR D 50 -3.51 -17.21 13.55
C TYR D 50 -3.77 -17.71 14.93
N LYS D 51 -4.75 -18.60 15.07
CA LYS D 51 -4.84 -19.36 16.30
C LYS D 51 -3.73 -20.37 16.49
N GLU D 52 -3.44 -21.18 15.49
CA GLU D 52 -2.45 -22.23 15.68
C GLU D 52 -1.11 -21.55 15.91
N LEU D 53 -0.88 -20.53 15.11
CA LEU D 53 0.40 -19.91 15.04
C LEU D 53 0.81 -19.46 16.43
N GLU D 54 -0.16 -18.96 17.17
CA GLU D 54 0.05 -18.51 18.52
C GLU D 54 0.59 -19.62 19.43
N LYS D 55 -0.01 -20.79 19.36
CA LYS D 55 0.59 -21.95 20.02
C LYS D 55 1.93 -22.42 19.39
N THR D 56 1.97 -22.67 18.09
CA THR D 56 3.19 -23.19 17.47
C THR D 56 4.37 -22.21 17.43
N LYS D 57 4.10 -20.98 17.05
CA LYS D 57 5.13 -19.99 16.86
C LYS D 57 5.91 -20.31 15.62
N SER D 58 5.37 -21.19 14.80
CA SER D 58 6.00 -21.67 13.58
C SER D 58 6.24 -20.55 12.60
N LYS D 59 7.48 -20.42 12.12
CA LYS D 59 7.84 -19.35 11.17
C LYS D 59 7.17 -19.49 9.82
N GLU D 60 7.00 -20.73 9.37
CA GLU D 60 6.35 -20.94 8.07
C GLU D 60 4.87 -20.56 8.03
N LEU D 61 4.13 -20.99 9.04
CA LEU D 61 2.72 -20.61 9.15
C LEU D 61 2.61 -19.10 9.19
N LYS D 62 3.45 -18.49 10.00
CA LYS D 62 3.49 -17.04 10.15
C LYS D 62 3.68 -16.38 8.80
N GLU D 63 4.69 -16.84 8.08
CA GLU D 63 5.01 -16.30 6.75
C GLU D 63 3.89 -16.54 5.75
N GLN D 64 3.29 -17.71 5.80
CA GLN D 64 2.21 -17.98 4.87
C GLN D 64 0.95 -17.12 5.16
N ILE D 65 0.61 -16.93 6.43
CA ILE D 65 -0.50 -16.05 6.79
C ILE D 65 -0.23 -14.63 6.31
N LEU D 66 0.99 -14.18 6.53
CA LEU D 66 1.35 -12.84 6.08
C LEU D 66 1.22 -12.67 4.60
N ARG D 67 1.62 -13.70 3.86
CA ARG D 67 1.56 -13.63 2.40
C ARG D 67 0.12 -13.47 1.99
N GLU D 68 -0.75 -14.29 2.55
CA GLU D 68 -2.18 -14.26 2.15
C GLU D 68 -2.78 -12.90 2.50
N LEU D 69 -2.44 -12.41 3.67
CA LEU D 69 -2.94 -11.10 4.11
C LEU D 69 -2.49 -9.97 3.20
N THR D 70 -1.23 -10.00 2.81
CA THR D 70 -0.69 -9.04 1.86
C THR D 70 -1.43 -9.09 0.51
N ILE D 71 -1.74 -10.27 0.00
CA ILE D 71 -2.44 -10.38 -1.29
C ILE D 71 -3.86 -9.84 -1.16
N ALA D 72 -4.53 -10.19 -0.07
CA ALA D 72 -5.89 -9.67 0.14
C ALA D 72 -5.87 -8.16 0.30
N GLU D 73 -4.87 -7.65 1.01
CA GLU D 73 -4.79 -6.18 1.22
C GLU D 73 -4.58 -5.44 -0.10
N ASN D 74 -3.68 -5.96 -0.93
CA ASN D 74 -3.42 -5.37 -2.24
C ASN D 74 -4.69 -5.31 -3.06
N TYR D 75 -5.39 -6.42 -3.12
CA TYR D 75 -6.63 -6.45 -3.85
C TYR D 75 -7.64 -5.44 -3.27
N LEU D 76 -7.78 -5.41 -1.95
CA LEU D 76 -8.73 -4.48 -1.32
C LEU D 76 -8.38 -3.02 -1.55
N ARG D 77 -7.10 -2.70 -1.52
CA ARG D 77 -6.68 -1.32 -1.82
C ARG D 77 -7.03 -0.95 -3.23
N GLY D 78 -6.81 -1.89 -4.16
CA GLY D 78 -7.16 -1.66 -5.56
C GLY D 78 -8.64 -1.45 -5.69
N ALA D 79 -9.44 -2.31 -5.07
CA ALA D 79 -10.90 -2.16 -5.14
C ALA D 79 -11.31 -0.83 -4.51
N LEU D 80 -10.65 -0.43 -3.45
CA LEU D 80 -10.99 0.85 -2.76
C LEU D 80 -10.79 2.04 -3.69
N LYS D 81 -9.63 2.10 -4.31
CA LYS D 81 -9.31 3.17 -5.26
C LYS D 81 -10.31 3.17 -6.40
N PHE D 82 -10.65 1.98 -6.90
CA PHE D 82 -11.61 1.88 -7.98
C PHE D 82 -12.97 2.41 -7.55
N MET D 83 -13.47 1.93 -6.41
CA MET D 83 -14.82 2.29 -5.96
C MET D 83 -14.95 3.78 -5.61
N GLN D 84 -13.91 4.34 -5.01
CA GLN D 84 -13.88 5.80 -4.77
C GLN D 84 -14.02 6.58 -6.06
N GLN D 85 -13.27 6.16 -7.07
CA GLN D 85 -13.37 6.81 -8.38
C GLN D 85 -14.77 6.70 -8.95
N GLU D 86 -15.39 5.54 -8.85
CA GLU D 86 -16.78 5.38 -9.35
C GLU D 86 -17.81 6.25 -8.60
N ALA D 87 -17.66 6.32 -7.28
CA ALA D 87 -18.51 7.17 -6.44
C ALA D 87 -18.47 8.63 -6.86
N LYS D 88 -17.35 9.08 -7.42
CA LYS D 88 -17.21 10.47 -7.87
C LYS D 88 -17.79 10.72 -9.25
N ARG D 89 -18.42 9.73 -9.87
CA ARG D 89 -19.05 9.99 -11.16
C ARG D 89 -20.14 11.04 -11.13
N THR D 90 -20.18 11.87 -12.16
CA THR D 90 -21.19 12.93 -12.25
C THR D 90 -22.51 12.35 -12.62
N ASP D 91 -22.46 11.31 -13.44
CA ASP D 91 -23.64 10.66 -13.98
C ASP D 91 -24.09 9.42 -13.18
N LEU D 92 -24.53 9.63 -11.95
CA LEU D 92 -25.07 8.55 -11.14
C LEU D 92 -26.44 8.99 -10.64
N ASN D 93 -27.38 8.06 -10.61
CA ASN D 93 -28.63 8.27 -9.90
C ASN D 93 -28.43 7.94 -8.43
N MET D 94 -29.47 8.07 -7.64
CA MET D 94 -29.33 7.96 -6.19
C MET D 94 -28.98 6.54 -5.80
N PHE D 95 -29.63 5.58 -6.44
CA PHE D 95 -29.41 4.17 -6.16
C PHE D 95 -27.95 3.81 -6.44
N GLU D 96 -27.42 4.26 -7.57
CA GLU D 96 -26.04 3.92 -7.96
C GLU D 96 -25.04 4.55 -6.99
N ARG D 97 -25.25 5.83 -6.68
CA ARG D 97 -24.30 6.51 -5.82
C ARG D 97 -24.32 5.88 -4.42
N TYR D 98 -25.50 5.56 -3.94
CA TYR D 98 -25.62 4.88 -2.68
C TYR D 98 -24.74 3.62 -2.69
N ASN D 99 -24.90 2.84 -3.76
CA ASN D 99 -24.23 1.54 -3.84
C ASN D 99 -22.72 1.67 -3.86
N PHE D 100 -22.23 2.61 -4.65
CA PHE D 100 -20.79 2.85 -4.68
C PHE D 100 -20.25 3.36 -3.32
N GLU D 101 -20.97 4.31 -2.72
CA GLU D 101 -20.56 4.87 -1.42
C GLU D 101 -20.55 3.84 -0.31
N THR D 102 -21.57 3.00 -0.28
CA THR D 102 -21.58 1.89 0.66
C THR D 102 -20.44 0.90 0.43
N ALA D 103 -20.12 0.62 -0.84
CA ALA D 103 -19.03 -0.31 -1.14
C ALA D 103 -17.76 0.24 -0.55
N VAL D 104 -17.55 1.54 -0.75
CA VAL D 104 -16.35 2.19 -0.21
C VAL D 104 -16.22 2.00 1.33
N SER D 105 -17.28 2.31 2.06
CA SER D 105 -17.22 2.21 3.54
C SER D 105 -17.01 0.75 3.95
N THR D 106 -17.65 -0.16 3.24
CA THR D 106 -17.44 -1.59 3.48
C THR D 106 -16.00 -2.01 3.25
N ILE D 107 -15.40 -1.60 2.14
CA ILE D 107 -14.02 -1.96 1.87
C ILE D 107 -13.10 -1.43 2.99
N GLU D 108 -13.36 -0.20 3.43
CA GLU D 108 -12.53 0.43 4.47
C GLU D 108 -12.50 -0.36 5.74
N ILE D 109 -13.65 -0.84 6.12
CA ILE D 109 -13.74 -1.63 7.33
C ILE D 109 -13.00 -2.95 7.18
N LEU D 110 -13.16 -3.60 6.04
CA LEU D 110 -12.42 -4.85 5.75
C LEU D 110 -10.92 -4.66 5.77
N VAL D 111 -10.48 -3.59 5.15
CA VAL D 111 -9.07 -3.29 5.06
C VAL D 111 -8.47 -3.06 6.45
N LYS D 112 -9.16 -2.27 7.26
CA LYS D 112 -8.71 -2.04 8.61
C LYS D 112 -8.63 -3.37 9.31
N ASP D 113 -9.64 -4.20 9.13
CA ASP D 113 -9.67 -5.47 9.82
C ASP D 113 -8.53 -6.41 9.45
N LEU D 114 -8.24 -6.48 8.16
CA LEU D 114 -7.14 -7.34 7.71
C LEU D 114 -5.83 -6.87 8.27
N ALA D 115 -5.63 -5.55 8.24
CA ALA D 115 -4.41 -4.92 8.77
C ALA D 115 -4.27 -5.10 10.28
N GLU D 116 -5.37 -5.26 10.97
CA GLU D 116 -5.29 -5.63 12.39
C GLU D 116 -4.90 -7.09 12.58
N LEU D 117 -5.43 -8.02 11.79
CA LEU D 117 -5.04 -9.42 11.95
C LEU D 117 -3.55 -9.52 11.70
N ALA D 118 -3.08 -8.72 10.74
CA ALA D 118 -1.66 -8.68 10.45
C ALA D 118 -0.85 -8.28 11.68
N LYS D 119 -1.18 -7.14 12.27
CA LYS D 119 -0.48 -6.69 13.50
C LYS D 119 -0.37 -7.81 14.49
N LYS D 120 -1.45 -8.54 14.70
CA LYS D 120 -1.44 -9.69 15.60
C LYS D 120 -0.46 -10.79 15.18
N VAL D 121 -0.46 -11.11 13.89
CA VAL D 121 0.42 -12.15 13.38
C VAL D 121 1.89 -11.75 13.48
N LYS D 122 2.20 -10.50 13.11
CA LYS D 122 3.57 -10.01 13.10
C LYS D 122 4.08 -9.74 14.50
N ALA D 123 3.18 -9.69 15.47
CA ALA D 123 3.58 -9.63 16.87
C ALA D 123 4.11 -10.98 17.36
N VAL D 124 4.03 -12.06 16.58
CA VAL D 124 4.34 -13.38 17.13
C VAL D 124 5.71 -13.42 17.82
#